data_3ZHG
#
_entry.id   3ZHG
#
_cell.length_a   146.720
_cell.length_b   92.770
_cell.length_c   77.060
_cell.angle_alpha   90.00
_cell.angle_beta   121.66
_cell.angle_gamma   90.00
#
_symmetry.space_group_name_H-M   'C 1 2 1'
#
loop_
_entity.id
_entity.type
_entity.pdbx_description
1 polymer 'CD209 ANTIGEN-LIKE PROTEIN B'
2 polymer 'CD209 ANTIGEN-LIKE PROTEIN B'
3 non-polymer 'SULFATE ION'
4 non-polymer 'CALCIUM ION'
5 water water
#
loop_
_entity_poly.entity_id
_entity_poly.type
_entity_poly.pdbx_seq_one_letter_code
_entity_poly.pdbx_strand_id
1 'polypeptide(L)'
;MSALLILALVGAAVADYKDDDDKLCRLCPWDWTFLLGNCYFFSKSQRNWNDAVTACKEVKAQLVIINSDEEQTFLQQTSK
AKGPTWMGLSDLKKEATWLWVDGSTLSSRFQKYWNRGEPNNIGEEDCVEFAGDGWNDSKCELKKFWICKKSATPCTEG
;
A,B,C
2 'polypeptide(L)'
;MSALLILALVGAAVADYKDDDDRLCRLCPWDWTFLLGNCYFFSKSQRNWNDAVTACKEVKAQLVIINSDEEQTFLQQTSK
AKGPTWMGLSDLKKEATWLWVDGSTLSSRFQKYWNRGEPNNIGEEDCVEFAGDGWNDSKCELKKFWICKKSATPCTEG
;
D
#
# COMPACT_ATOMS: atom_id res chain seq x y z
N LEU A 24 8.83 2.56 13.69
CA LEU A 24 7.62 2.37 12.88
C LEU A 24 7.83 1.32 11.79
N CYS A 25 7.82 0.06 12.20
CA CYS A 25 8.06 -1.07 11.28
C CYS A 25 6.81 -1.42 10.49
N ARG A 26 6.87 -1.24 9.17
CA ARG A 26 5.78 -1.67 8.28
C ARG A 26 6.26 -2.85 7.42
N LEU A 27 5.78 -4.05 7.75
CA LEU A 27 6.23 -5.27 7.09
C LEU A 27 5.74 -5.36 5.64
N CYS A 28 4.48 -4.98 5.43
CA CYS A 28 3.78 -5.11 4.15
C CYS A 28 3.00 -3.83 3.89
N PRO A 29 2.67 -3.55 2.62
CA PRO A 29 1.87 -2.36 2.34
C PRO A 29 0.51 -2.41 3.00
N TRP A 30 -0.17 -1.27 3.03
CA TRP A 30 -1.47 -1.14 3.65
C TRP A 30 -2.48 -2.15 3.11
N ASP A 31 -3.09 -2.91 4.03
CA ASP A 31 -4.10 -3.92 3.72
C ASP A 31 -3.54 -5.19 3.09
N TRP A 32 -2.24 -5.43 3.29
CA TRP A 32 -1.62 -6.68 2.86
C TRP A 32 -1.21 -7.41 4.11
N THR A 33 -1.19 -8.74 4.06
CA THR A 33 -0.87 -9.56 5.23
C THR A 33 0.52 -10.20 5.17
N PHE A 34 1.27 -10.07 6.24
CA PHE A 34 2.60 -10.69 6.33
C PHE A 34 2.52 -12.16 6.74
N LEU A 35 3.16 -13.03 5.97
CA LEU A 35 3.38 -14.43 6.37
C LEU A 35 4.74 -14.94 5.87
N LEU A 36 5.64 -15.23 6.82
CA LEU A 36 6.93 -15.85 6.52
C LEU A 36 7.75 -15.17 5.43
N GLY A 37 7.84 -13.84 5.49
CA GLY A 37 8.71 -13.11 4.58
C GLY A 37 8.02 -12.64 3.33
N ASN A 38 6.74 -12.97 3.19
CA ASN A 38 5.95 -12.50 2.06
C ASN A 38 4.70 -11.73 2.43
N CYS A 39 4.16 -10.99 1.47
CA CYS A 39 3.00 -10.13 1.68
C CYS A 39 1.89 -10.61 0.80
N TYR A 40 0.68 -10.68 1.33
CA TYR A 40 -0.45 -11.32 0.62
C TYR A 40 -1.62 -10.35 0.57
N PHE A 41 -2.32 -10.31 -0.56
CA PHE A 41 -3.46 -9.43 -0.70
C PHE A 41 -4.63 -10.30 -1.06
N PHE A 42 -5.73 -10.19 -0.32
CA PHE A 42 -6.91 -11.02 -0.54
C PHE A 42 -7.98 -10.20 -1.23
N SER A 43 -8.30 -10.49 -2.49
CA SER A 43 -9.25 -9.65 -3.21
C SER A 43 -10.55 -9.61 -2.44
N LYS A 44 -11.30 -8.54 -2.66
CA LYS A 44 -12.63 -8.38 -2.13
C LYS A 44 -13.64 -8.68 -3.22
N SER A 45 -13.21 -8.61 -4.48
CA SER A 45 -14.10 -8.88 -5.60
C SER A 45 -13.64 -10.10 -6.36
N GLN A 46 -14.41 -10.51 -7.36
CA GLN A 46 -14.13 -11.71 -8.11
C GLN A 46 -13.81 -11.35 -9.55
N ARG A 47 -12.80 -12.03 -10.12
CA ARG A 47 -12.34 -11.77 -11.47
C ARG A 47 -11.95 -13.10 -12.15
N ASN A 48 -11.99 -13.13 -13.48
CA ASN A 48 -11.50 -14.31 -14.18
C ASN A 48 -10.00 -14.45 -14.01
N TRP A 49 -9.46 -15.61 -14.36
CA TRP A 49 -8.08 -15.93 -13.99
C TRP A 49 -7.09 -14.94 -14.61
N ASN A 50 -7.25 -14.65 -15.89
CA ASN A 50 -6.34 -13.72 -16.58
C ASN A 50 -6.41 -12.33 -15.96
N ASP A 51 -7.62 -11.85 -15.66
CA ASP A 51 -7.78 -10.54 -15.06
C ASP A 51 -7.18 -10.50 -13.66
N ALA A 52 -7.22 -11.63 -12.98
CA ALA A 52 -6.60 -11.74 -11.67
C ALA A 52 -5.10 -11.62 -11.79
N VAL A 53 -4.53 -12.31 -12.77
CA VAL A 53 -3.09 -12.20 -13.04
C VAL A 53 -2.70 -10.74 -13.23
N THR A 54 -3.49 -10.02 -14.01
CA THR A 54 -3.20 -8.63 -14.31
C THR A 54 -3.33 -7.74 -13.08
N ALA A 55 -4.39 -7.94 -12.30
CA ALA A 55 -4.56 -7.22 -11.04
C ALA A 55 -3.32 -7.34 -10.17
N CYS A 56 -2.73 -8.52 -10.08
CA CYS A 56 -1.57 -8.72 -9.22
C CYS A 56 -0.33 -8.01 -9.76
N LYS A 57 -0.13 -8.04 -11.08
CA LYS A 57 0.96 -7.33 -11.73
C LYS A 57 0.90 -5.80 -11.53
N GLU A 58 -0.32 -5.26 -11.41
CA GLU A 58 -0.55 -3.85 -11.10
C GLU A 58 0.07 -3.42 -9.81
N VAL A 59 0.28 -4.37 -8.89
CA VAL A 59 0.82 -4.01 -7.59
C VAL A 59 2.15 -4.72 -7.35
N LYS A 60 2.86 -4.99 -8.45
CA LYS A 60 4.14 -5.64 -8.43
C LYS A 60 4.10 -6.94 -7.66
N ALA A 61 3.06 -7.73 -7.92
CA ALA A 61 2.88 -8.98 -7.23
C ALA A 61 2.50 -10.05 -8.25
N GLN A 62 2.30 -11.29 -7.79
CA GLN A 62 1.89 -12.37 -8.70
C GLN A 62 0.72 -13.15 -8.12
N LEU A 63 -0.22 -13.53 -8.97
CA LEU A 63 -1.30 -14.41 -8.54
C LEU A 63 -0.64 -15.58 -7.82
N VAL A 64 -1.08 -15.85 -6.59
CA VAL A 64 -0.28 -16.55 -5.59
C VAL A 64 0.35 -17.87 -6.04
N ILE A 65 1.65 -17.95 -5.82
CA ILE A 65 2.42 -19.14 -6.08
C ILE A 65 2.75 -19.76 -4.72
N ILE A 66 2.25 -20.98 -4.51
CA ILE A 66 2.41 -21.67 -3.23
C ILE A 66 3.80 -22.29 -3.18
N ASN A 67 4.53 -22.06 -2.09
CA ASN A 67 5.87 -22.62 -2.00
C ASN A 67 6.20 -23.26 -0.67
N SER A 68 5.23 -23.30 0.24
CA SER A 68 5.43 -23.99 1.50
C SER A 68 4.10 -24.54 1.99
N ASP A 69 4.16 -25.48 2.91
CA ASP A 69 2.96 -26.08 3.45
C ASP A 69 2.26 -25.12 4.42
N GLU A 70 3.03 -24.37 5.18
CA GLU A 70 2.43 -23.43 6.11
C GLU A 70 1.68 -22.33 5.34
N GLU A 71 2.24 -21.93 4.21
CA GLU A 71 1.58 -20.97 3.34
C GLU A 71 0.29 -21.55 2.75
N GLN A 72 0.39 -22.75 2.20
CA GLN A 72 -0.80 -23.44 1.67
C GLN A 72 -1.88 -23.58 2.74
N THR A 73 -1.48 -23.95 3.96
CA THR A 73 -2.45 -24.08 5.05
C THR A 73 -3.17 -22.78 5.33
N PHE A 74 -2.41 -21.69 5.42
CA PHE A 74 -3.01 -20.40 5.70
C PHE A 74 -3.91 -19.91 4.56
N LEU A 75 -3.48 -20.07 3.31
CA LEU A 75 -4.32 -19.56 2.23
C LEU A 75 -5.57 -20.41 2.01
N GLN A 76 -5.48 -21.70 2.27
CA GLN A 76 -6.64 -22.59 2.17
C GLN A 76 -7.72 -22.22 3.20
N GLN A 77 -7.33 -21.97 4.44
CA GLN A 77 -8.27 -21.53 5.49
C GLN A 77 -8.90 -20.20 5.18
N THR A 78 -8.09 -19.20 4.88
CA THR A 78 -8.63 -17.89 4.58
C THR A 78 -9.58 -17.98 3.40
N SER A 79 -9.22 -18.74 2.38
CA SER A 79 -10.02 -18.76 1.16
C SER A 79 -11.36 -19.44 1.37
N LYS A 80 -11.45 -20.30 2.39
CA LYS A 80 -12.70 -20.97 2.70
C LYS A 80 -13.77 -19.97 3.15
N ALA A 81 -13.34 -18.91 3.83
CA ALA A 81 -14.28 -17.92 4.32
C ALA A 81 -14.91 -17.05 3.23
N LYS A 82 -14.28 -16.95 2.06
CA LYS A 82 -14.86 -16.15 0.98
C LYS A 82 -15.54 -16.99 -0.07
N GLY A 83 -14.86 -18.06 -0.48
CA GLY A 83 -15.38 -18.92 -1.54
C GLY A 83 -14.23 -19.30 -2.45
N PRO A 84 -14.54 -20.03 -3.53
CA PRO A 84 -13.48 -20.43 -4.46
C PRO A 84 -12.59 -19.26 -4.86
N THR A 85 -11.29 -19.51 -4.87
CA THR A 85 -10.31 -18.44 -5.02
C THR A 85 -9.22 -18.92 -5.96
N TRP A 86 -8.83 -18.07 -6.91
CA TRP A 86 -7.75 -18.41 -7.84
C TRP A 86 -6.39 -18.46 -7.19
N MET A 87 -5.54 -19.36 -7.67
CA MET A 87 -4.11 -19.29 -7.41
C MET A 87 -3.34 -19.17 -8.72
N GLY A 88 -2.05 -18.87 -8.67
CA GLY A 88 -1.31 -18.62 -9.89
C GLY A 88 -0.80 -19.88 -10.60
N LEU A 89 -1.71 -20.79 -10.94
CA LEU A 89 -1.34 -22.11 -11.46
C LEU A 89 -2.30 -22.52 -12.56
N SER A 90 -1.77 -23.07 -13.65
CA SER A 90 -2.58 -23.40 -14.81
C SER A 90 -1.83 -24.31 -15.77
N ASP A 91 -2.57 -24.98 -16.66
CA ASP A 91 -1.91 -25.81 -17.66
C ASP A 91 -2.21 -25.24 -19.03
N LEU A 92 -2.25 -23.92 -19.11
CA LEU A 92 -2.58 -23.22 -20.35
C LEU A 92 -1.49 -23.34 -21.41
N LYS A 93 -0.25 -23.58 -20.99
CA LYS A 93 0.83 -23.73 -21.94
C LYS A 93 0.78 -25.11 -22.59
N LYS A 94 0.78 -26.15 -21.77
CA LYS A 94 0.67 -27.53 -22.24
C LYS A 94 -0.29 -28.30 -21.35
N GLU A 95 -1.43 -28.76 -21.91
CA GLU A 95 -2.40 -29.56 -21.16
C GLU A 95 -1.77 -30.58 -20.22
N ALA A 96 -2.28 -30.65 -18.99
CA ALA A 96 -1.86 -31.67 -18.03
C ALA A 96 -0.51 -31.40 -17.40
N THR A 97 0.24 -30.43 -17.92
CA THR A 97 1.43 -29.96 -17.22
C THR A 97 1.13 -28.63 -16.53
N TRP A 98 1.22 -28.61 -15.19
CA TRP A 98 0.82 -27.44 -14.40
C TRP A 98 1.99 -26.55 -14.03
N LEU A 99 1.93 -25.29 -14.46
CA LEU A 99 3.01 -24.34 -14.22
C LEU A 99 2.51 -23.16 -13.42
N TRP A 100 3.31 -22.70 -12.46
CA TRP A 100 2.96 -21.49 -11.74
C TRP A 100 3.13 -20.30 -12.69
N VAL A 101 2.59 -19.13 -12.34
CA VAL A 101 2.65 -17.98 -13.26
C VAL A 101 4.08 -17.49 -13.54
N ASP A 102 5.04 -17.82 -12.69
CA ASP A 102 6.43 -17.46 -12.95
C ASP A 102 7.15 -18.51 -13.79
N GLY A 103 6.39 -19.44 -14.37
CA GLY A 103 6.97 -20.48 -15.20
C GLY A 103 7.56 -21.69 -14.48
N SER A 104 7.60 -21.67 -13.15
CA SER A 104 8.17 -22.81 -12.45
C SER A 104 7.21 -23.99 -12.51
N THR A 105 7.75 -25.19 -12.34
CA THR A 105 6.92 -26.39 -12.44
C THR A 105 6.32 -26.72 -11.09
N LEU A 106 5.20 -27.43 -11.11
CA LEU A 106 4.54 -27.87 -9.88
C LEU A 106 5.29 -29.08 -9.35
N SER A 107 5.78 -29.01 -8.11
CA SER A 107 6.60 -30.09 -7.59
C SER A 107 5.78 -31.30 -7.23
N SER A 108 6.46 -32.43 -7.07
CA SER A 108 5.79 -33.66 -6.70
C SER A 108 5.19 -33.54 -5.33
N ARG A 109 5.86 -32.83 -4.44
CA ARG A 109 5.35 -32.80 -3.07
C ARG A 109 4.06 -32.00 -2.95
N PHE A 110 3.77 -31.13 -3.90
CA PHE A 110 2.56 -30.31 -3.81
C PHE A 110 1.37 -30.98 -4.46
N GLN A 111 1.57 -32.13 -5.09
CA GLN A 111 0.45 -32.72 -5.80
C GLN A 111 -0.56 -33.30 -4.85
N LYS A 112 -0.16 -33.46 -3.58
CA LYS A 112 -1.08 -33.92 -2.55
C LYS A 112 -2.16 -32.90 -2.21
N TYR A 113 -1.98 -31.65 -2.66
CA TYR A 113 -2.94 -30.60 -2.34
C TYR A 113 -4.18 -30.68 -3.20
N TRP A 114 -4.07 -31.32 -4.36
CA TRP A 114 -5.24 -31.56 -5.20
C TRP A 114 -6.33 -32.28 -4.42
N ASN A 115 -7.58 -31.85 -4.59
CA ASN A 115 -8.70 -32.59 -4.03
C ASN A 115 -8.81 -33.95 -4.68
N ARG A 116 -9.47 -34.90 -4.01
CA ARG A 116 -9.73 -36.19 -4.62
CA ARG A 116 -9.74 -36.20 -4.61
C ARG A 116 -10.52 -35.98 -5.90
N GLY A 117 -10.09 -36.61 -6.99
CA GLY A 117 -10.77 -36.44 -8.25
C GLY A 117 -10.27 -35.28 -9.09
N GLU A 118 -9.25 -34.57 -8.59
CA GLU A 118 -8.65 -33.46 -9.32
C GLU A 118 -7.17 -33.73 -9.54
N PRO A 119 -6.61 -33.20 -10.63
CA PRO A 119 -7.30 -32.41 -11.64
C PRO A 119 -8.09 -33.27 -12.61
N ASN A 120 -9.22 -32.77 -13.12
CA ASN A 120 -9.97 -33.52 -14.13
C ASN A 120 -10.39 -32.62 -15.28
N ASN A 121 -11.32 -33.09 -16.10
CA ASN A 121 -11.77 -32.28 -17.23
C ASN A 121 -10.59 -31.64 -17.92
N ILE A 122 -9.59 -32.45 -18.24
CA ILE A 122 -8.30 -31.95 -18.71
C ILE A 122 -8.44 -31.30 -20.08
N GLY A 123 -7.91 -30.10 -20.21
CA GLY A 123 -8.03 -29.35 -21.45
C GLY A 123 -9.26 -28.46 -21.50
N GLU A 124 -10.17 -28.65 -20.55
CA GLU A 124 -11.37 -27.81 -20.47
C GLU A 124 -11.32 -26.89 -19.24
N GLU A 125 -10.77 -27.43 -18.15
CA GLU A 125 -10.60 -26.66 -16.92
C GLU A 125 -9.10 -26.45 -16.70
N ASP A 126 -8.63 -25.26 -17.05
CA ASP A 126 -7.19 -25.02 -17.18
C ASP A 126 -6.56 -24.19 -16.08
N CYS A 127 -7.35 -23.66 -15.16
CA CYS A 127 -6.79 -22.84 -14.09
C CYS A 127 -7.14 -23.43 -12.73
N VAL A 128 -6.30 -23.16 -11.74
CA VAL A 128 -6.45 -23.81 -10.43
C VAL A 128 -6.98 -22.87 -9.35
N GLU A 129 -7.90 -23.38 -8.54
CA GLU A 129 -8.51 -22.64 -7.44
C GLU A 129 -8.38 -23.37 -6.12
N PHE A 130 -8.36 -22.63 -5.02
CA PHE A 130 -8.63 -23.22 -3.70
C PHE A 130 -10.13 -23.47 -3.68
N ALA A 131 -10.52 -24.72 -3.46
CA ALA A 131 -11.94 -25.04 -3.28
C ALA A 131 -12.07 -25.92 -2.06
N GLY A 132 -12.71 -25.43 -1.01
CA GLY A 132 -12.84 -26.18 0.22
C GLY A 132 -11.53 -26.41 0.97
N ASP A 133 -11.07 -27.66 0.97
CA ASP A 133 -9.83 -28.01 1.66
C ASP A 133 -8.70 -28.39 0.72
N GLY A 134 -8.90 -28.23 -0.58
CA GLY A 134 -7.85 -28.56 -1.52
C GLY A 134 -7.99 -27.79 -2.82
N TRP A 135 -7.31 -28.25 -3.87
CA TRP A 135 -7.30 -27.57 -5.15
C TRP A 135 -8.16 -28.29 -6.18
N ASN A 136 -8.90 -27.52 -6.96
CA ASN A 136 -9.61 -28.03 -8.13
C ASN A 136 -9.02 -27.35 -9.33
N ASP A 137 -9.11 -27.95 -10.51
CA ASP A 137 -8.95 -27.14 -11.72
C ASP A 137 -10.34 -26.67 -12.13
N SER A 138 -10.42 -25.46 -12.69
CA SER A 138 -11.70 -24.87 -13.06
C SER A 138 -11.60 -24.15 -14.39
N LYS A 139 -12.75 -23.80 -14.96
CA LYS A 139 -12.77 -23.00 -16.18
C LYS A 139 -12.23 -21.58 -15.90
N CYS A 140 -11.18 -21.21 -16.61
CA CYS A 140 -10.50 -19.92 -16.42
C CYS A 140 -11.38 -18.71 -16.57
N GLU A 141 -12.49 -18.84 -17.28
CA GLU A 141 -13.33 -17.66 -17.53
C GLU A 141 -14.24 -17.34 -16.36
N LEU A 142 -14.35 -18.27 -15.42
CA LEU A 142 -15.20 -18.03 -14.26
C LEU A 142 -14.61 -16.92 -13.43
N LYS A 143 -15.48 -16.15 -12.76
CA LYS A 143 -15.03 -15.13 -11.84
C LYS A 143 -14.93 -15.72 -10.43
N LYS A 144 -13.77 -15.53 -9.80
CA LYS A 144 -13.52 -16.06 -8.46
C LYS A 144 -12.67 -15.03 -7.72
N PHE A 145 -12.58 -15.17 -6.41
CA PHE A 145 -11.71 -14.29 -5.65
C PHE A 145 -10.28 -14.60 -6.06
N TRP A 146 -9.33 -13.81 -5.60
CA TRP A 146 -7.94 -14.14 -5.91
C TRP A 146 -7.04 -13.55 -4.85
N ILE A 147 -5.79 -13.99 -4.86
CA ILE A 147 -4.81 -13.63 -3.87
C ILE A 147 -3.53 -13.29 -4.58
N CYS A 148 -2.88 -12.20 -4.15
CA CYS A 148 -1.59 -11.77 -4.69
C CYS A 148 -0.53 -12.00 -3.65
N LYS A 149 0.69 -12.26 -4.11
CA LYS A 149 1.84 -12.46 -3.24
C LYS A 149 3.08 -11.74 -3.78
N LYS A 150 3.81 -11.06 -2.92
CA LYS A 150 5.11 -10.51 -3.30
C LYS A 150 5.98 -10.50 -2.05
N SER A 151 7.29 -10.29 -2.21
CA SER A 151 8.20 -10.26 -1.06
C SER A 151 7.94 -9.10 -0.14
N ALA A 152 8.20 -9.30 1.15
CA ALA A 152 8.11 -8.25 2.14
C ALA A 152 9.38 -7.42 2.17
N THR A 153 9.30 -6.28 2.86
CA THR A 153 10.47 -5.48 3.18
C THR A 153 10.78 -5.61 4.67
N PRO A 154 11.85 -6.36 5.02
CA PRO A 154 12.22 -6.69 6.40
C PRO A 154 12.58 -5.48 7.26
N CYS A 155 12.56 -5.68 8.58
CA CYS A 155 12.87 -4.63 9.54
C CYS A 155 14.12 -4.95 10.35
N LEU B 24 -16.46 -6.50 -2.72
CA LEU B 24 -17.66 -6.41 -1.91
C LEU B 24 -17.68 -7.42 -0.74
N CYS B 25 -16.77 -8.40 -0.73
CA CYS B 25 -16.61 -9.30 0.41
C CYS B 25 -15.41 -8.89 1.24
N ARG B 26 -15.67 -8.25 2.38
CA ARG B 26 -14.61 -7.93 3.32
C ARG B 26 -14.89 -8.58 4.69
N LEU B 27 -13.99 -9.46 5.11
CA LEU B 27 -14.11 -10.24 6.34
C LEU B 27 -13.72 -9.43 7.56
N CYS B 28 -12.77 -8.53 7.37
CA CYS B 28 -12.13 -7.78 8.46
C CYS B 28 -12.02 -6.31 8.12
N PRO B 29 -11.79 -5.48 9.14
CA PRO B 29 -11.57 -4.04 8.88
C PRO B 29 -10.38 -3.85 7.95
N TRP B 30 -10.27 -2.67 7.34
CA TRP B 30 -9.15 -2.40 6.46
C TRP B 30 -7.87 -2.52 7.22
N ASP B 31 -6.90 -3.23 6.66
CA ASP B 31 -5.55 -3.32 7.24
C ASP B 31 -5.49 -4.22 8.47
N TRP B 32 -6.53 -5.04 8.66
CA TRP B 32 -6.52 -6.12 9.62
C TRP B 32 -6.46 -7.46 8.88
N THR B 33 -5.84 -8.46 9.49
CA THR B 33 -5.64 -9.77 8.87
C THR B 33 -6.67 -10.77 9.36
N PHE B 34 -7.32 -11.48 8.44
CA PHE B 34 -8.21 -12.59 8.77
C PHE B 34 -7.44 -13.85 9.10
N LEU B 35 -7.76 -14.46 10.23
CA LEU B 35 -7.14 -15.74 10.59
C LEU B 35 -8.08 -16.55 11.46
N LEU B 36 -8.48 -17.70 10.96
CA LEU B 36 -9.21 -18.68 11.78
C LEU B 36 -10.47 -18.07 12.39
N GLY B 37 -11.23 -17.39 11.57
CA GLY B 37 -12.48 -16.82 12.01
C GLY B 37 -12.40 -15.50 12.76
N ASN B 38 -11.19 -14.98 12.96
CA ASN B 38 -11.04 -13.70 13.63
C ASN B 38 -10.18 -12.70 12.86
N CYS B 39 -10.23 -11.45 13.29
CA CYS B 39 -9.48 -10.37 12.64
C CYS B 39 -8.38 -9.88 13.56
N TYR B 40 -7.18 -9.70 13.02
CA TYR B 40 -6.05 -9.26 13.83
C TYR B 40 -5.45 -7.99 13.30
N PHE B 41 -5.09 -7.09 14.22
CA PHE B 41 -4.40 -5.88 13.83
C PHE B 41 -3.02 -5.85 14.44
N PHE B 42 -2.02 -5.74 13.57
CA PHE B 42 -0.64 -5.67 14.00
C PHE B 42 -0.18 -4.21 14.02
N SER B 43 0.07 -3.67 15.20
CA SER B 43 0.39 -2.25 15.30
C SER B 43 1.67 -1.91 14.56
N LYS B 44 1.77 -0.65 14.15
CA LYS B 44 2.97 -0.11 13.52
C LYS B 44 3.76 0.67 14.56
N SER B 45 3.05 1.23 15.53
CA SER B 45 3.69 2.00 16.60
C SER B 45 3.83 1.16 17.86
N GLN B 46 4.46 1.74 18.87
CA GLN B 46 4.76 1.03 20.11
C GLN B 46 4.15 1.77 21.29
N ARG B 47 3.58 1.02 22.23
CA ARG B 47 2.95 1.64 23.38
C ARG B 47 3.19 0.79 24.62
N ASN B 48 2.99 1.37 25.79
CA ASN B 48 3.07 0.57 27.00
C ASN B 48 1.86 -0.35 27.06
N TRP B 49 1.83 -1.27 28.02
CA TRP B 49 0.80 -2.30 28.04
C TRP B 49 -0.60 -1.71 28.19
N ASN B 50 -0.74 -0.76 29.11
CA ASN B 50 -2.03 -0.13 29.37
C ASN B 50 -2.54 0.66 28.17
N ASP B 51 -1.63 1.31 27.46
CA ASP B 51 -2.01 2.07 26.28
C ASP B 51 -2.34 1.16 25.10
N ALA B 52 -1.74 -0.03 25.07
CA ALA B 52 -2.04 -0.98 24.02
C ALA B 52 -3.45 -1.50 24.24
N VAL B 53 -3.80 -1.77 25.49
CA VAL B 53 -5.14 -2.23 25.80
C VAL B 53 -6.18 -1.19 25.41
N THR B 54 -5.88 0.07 25.70
CA THR B 54 -6.77 1.16 25.31
C THR B 54 -6.88 1.26 23.79
N ALA B 55 -5.76 1.19 23.09
CA ALA B 55 -5.80 1.30 21.64
C ALA B 55 -6.70 0.22 21.03
N CYS B 56 -6.61 -1.01 21.54
CA CYS B 56 -7.49 -2.07 21.06
C CYS B 56 -8.93 -1.83 21.48
N LYS B 57 -9.11 -1.29 22.69
CA LYS B 57 -10.46 -1.05 23.19
C LYS B 57 -11.16 -0.04 22.30
N GLU B 58 -10.41 0.93 21.79
CA GLU B 58 -10.99 1.99 20.95
C GLU B 58 -11.50 1.48 19.60
N VAL B 59 -10.98 0.34 19.16
CA VAL B 59 -11.46 -0.31 17.95
C VAL B 59 -12.32 -1.55 18.29
N LYS B 60 -12.92 -1.53 19.47
CA LYS B 60 -13.83 -2.58 19.92
C LYS B 60 -13.18 -3.94 19.82
N ALA B 61 -11.90 -4.00 20.17
CA ALA B 61 -11.14 -5.25 20.10
C ALA B 61 -10.46 -5.51 21.43
N GLN B 62 -9.83 -6.68 21.57
CA GLN B 62 -9.10 -7.02 22.78
C GLN B 62 -7.61 -7.05 22.47
N LEU B 63 -6.76 -6.64 23.39
CA LEU B 63 -5.34 -6.95 23.25
C LEU B 63 -5.33 -8.46 23.17
N VAL B 64 -4.64 -9.01 22.17
CA VAL B 64 -4.86 -10.39 21.77
C VAL B 64 -4.80 -11.45 22.88
N ILE B 65 -5.83 -12.28 22.93
CA ILE B 65 -5.87 -13.45 23.80
C ILE B 65 -5.68 -14.70 22.96
N ILE B 66 -4.58 -15.42 23.22
CA ILE B 66 -4.26 -16.63 22.49
C ILE B 66 -5.16 -17.79 22.91
N ASN B 67 -5.82 -18.41 21.93
CA ASN B 67 -6.79 -19.46 22.24
C ASN B 67 -6.54 -20.78 21.52
N SER B 68 -5.49 -20.84 20.71
CA SER B 68 -5.13 -22.08 20.04
C SER B 68 -3.69 -22.02 19.60
N ASP B 69 -3.15 -23.18 19.23
CA ASP B 69 -1.74 -23.28 18.88
C ASP B 69 -1.49 -22.71 17.48
N GLU B 70 -2.45 -22.92 16.60
CA GLU B 70 -2.41 -22.37 15.25
C GLU B 70 -2.31 -20.84 15.33
N GLU B 71 -3.14 -20.27 16.18
CA GLU B 71 -3.14 -18.83 16.42
C GLU B 71 -1.78 -18.38 16.97
N GLN B 72 -1.33 -19.02 18.05
CA GLN B 72 -0.03 -18.71 18.62
C GLN B 72 1.07 -18.75 17.56
N THR B 73 1.04 -19.75 16.70
CA THR B 73 2.07 -19.90 15.69
C THR B 73 2.10 -18.75 14.70
N PHE B 74 0.93 -18.34 14.22
CA PHE B 74 0.88 -17.27 13.24
C PHE B 74 1.28 -15.93 13.88
N LEU B 75 0.83 -15.69 15.10
CA LEU B 75 1.13 -14.43 15.77
C LEU B 75 2.61 -14.33 16.12
N GLN B 76 3.23 -15.47 16.43
CA GLN B 76 4.64 -15.51 16.77
C GLN B 76 5.51 -15.18 15.58
N GLN B 77 5.15 -15.70 14.40
CA GLN B 77 5.96 -15.45 13.20
C GLN B 77 5.88 -13.99 12.72
N THR B 78 4.74 -13.34 12.87
CA THR B 78 4.71 -11.91 12.53
C THR B 78 5.46 -11.10 13.56
N SER B 79 5.25 -11.41 14.83
CA SER B 79 5.89 -10.68 15.91
C SER B 79 7.39 -10.78 15.79
N LYS B 80 7.87 -11.98 15.52
CA LYS B 80 9.31 -12.18 15.38
C LYS B 80 9.88 -11.21 14.36
N ALA B 81 9.20 -11.04 13.23
CA ALA B 81 9.70 -10.16 12.16
C ALA B 81 9.68 -8.68 12.55
N LYS B 82 8.82 -8.31 13.50
CA LYS B 82 8.73 -6.91 13.94
C LYS B 82 9.61 -6.63 15.15
N GLY B 83 9.34 -7.34 16.23
CA GLY B 83 10.04 -7.12 17.48
C GLY B 83 9.10 -7.45 18.64
N PRO B 84 9.59 -7.33 19.88
CA PRO B 84 8.76 -7.65 21.03
C PRO B 84 7.38 -7.03 20.91
N THR B 85 6.35 -7.83 21.18
CA THR B 85 4.97 -7.42 20.95
C THR B 85 4.14 -7.83 22.15
N TRP B 86 3.29 -6.94 22.63
CA TRP B 86 2.41 -7.21 23.77
C TRP B 86 1.28 -8.18 23.41
N MET B 87 0.89 -9.02 24.36
CA MET B 87 -0.36 -9.78 24.26
C MET B 87 -1.23 -9.42 25.47
N GLY B 88 -2.50 -9.80 25.44
CA GLY B 88 -3.43 -9.37 26.48
C GLY B 88 -3.41 -10.21 27.74
N LEU B 89 -2.21 -10.46 28.26
CA LEU B 89 -2.01 -11.31 29.45
C LEU B 89 -1.13 -10.59 30.47
N SER B 90 -1.55 -10.62 31.74
CA SER B 90 -0.80 -10.02 32.86
C SER B 90 -1.21 -10.60 34.21
N ASP B 91 -0.36 -10.41 35.21
CA ASP B 91 -0.68 -10.80 36.59
C ASP B 91 -0.84 -9.58 37.51
N LEU B 92 -1.18 -8.44 36.91
CA LEU B 92 -1.31 -7.20 37.67
C LEU B 92 -2.30 -7.33 38.83
N LYS B 93 -3.39 -8.07 38.60
CA LYS B 93 -4.50 -8.12 39.55
C LYS B 93 -4.18 -8.99 40.77
N LYS B 94 -3.17 -9.84 40.63
CA LYS B 94 -2.85 -10.83 41.65
C LYS B 94 -1.55 -11.50 41.26
N GLU B 95 -0.45 -11.00 41.80
CA GLU B 95 0.89 -11.47 41.46
C GLU B 95 0.95 -12.97 41.20
N ALA B 96 1.68 -13.37 40.16
CA ALA B 96 1.94 -14.78 39.84
C ALA B 96 0.74 -15.54 39.25
N THR B 97 -0.46 -14.98 39.39
CA THR B 97 -1.63 -15.55 38.72
C THR B 97 -1.90 -14.75 37.44
N TRP B 98 -1.76 -15.42 36.30
CA TRP B 98 -1.85 -14.78 34.98
C TRP B 98 -3.25 -14.84 34.38
N LEU B 99 -3.80 -13.67 34.09
CA LEU B 99 -5.15 -13.56 33.59
C LEU B 99 -5.17 -12.84 32.24
N TRP B 100 -6.01 -13.32 31.34
CA TRP B 100 -6.21 -12.65 30.07
C TRP B 100 -7.11 -11.46 30.32
N VAL B 101 -7.02 -10.48 29.43
CA VAL B 101 -7.67 -9.22 29.64
C VAL B 101 -9.20 -9.36 29.70
N ASP B 102 -9.71 -10.54 29.33
CA ASP B 102 -11.14 -10.79 29.39
C ASP B 102 -11.58 -11.37 30.74
N GLY B 103 -10.60 -11.76 31.56
CA GLY B 103 -10.90 -12.23 32.90
C GLY B 103 -10.72 -13.71 33.09
N SER B 104 -10.21 -14.39 32.05
CA SER B 104 -9.97 -15.82 32.13
C SER B 104 -8.56 -16.12 32.61
N THR B 105 -8.36 -17.36 33.06
CA THR B 105 -7.10 -17.81 33.62
C THR B 105 -6.25 -18.48 32.54
N LEU B 106 -4.95 -18.25 32.57
CA LEU B 106 -4.06 -18.85 31.57
C LEU B 106 -4.23 -20.36 31.54
N SER B 107 -4.73 -20.88 30.42
CA SER B 107 -4.94 -22.32 30.27
C SER B 107 -3.74 -23.12 30.74
N SER B 108 -4.00 -24.11 31.58
CA SER B 108 -2.95 -24.94 32.13
C SER B 108 -2.01 -25.47 31.04
N ARG B 109 -2.54 -25.62 29.83
CA ARG B 109 -1.82 -26.24 28.73
C ARG B 109 -0.99 -25.25 27.92
N PHE B 110 -1.24 -23.96 28.10
CA PHE B 110 -0.48 -22.93 27.37
C PHE B 110 0.84 -22.61 28.04
N GLN B 111 1.03 -23.12 29.24
CA GLN B 111 2.22 -22.79 30.02
C GLN B 111 3.48 -23.17 29.25
N LYS B 112 3.30 -23.90 28.16
CA LYS B 112 4.41 -24.40 27.35
C LYS B 112 5.00 -23.32 26.44
N TYR B 113 4.29 -22.20 26.31
CA TYR B 113 4.79 -21.12 25.47
C TYR B 113 5.78 -20.23 26.21
N TRP B 114 5.65 -20.14 27.53
CA TRP B 114 6.67 -19.46 28.33
C TRP B 114 8.02 -19.91 27.82
N ASN B 115 8.90 -18.96 27.55
CA ASN B 115 10.28 -19.33 27.25
C ASN B 115 10.84 -20.00 28.49
N ARG B 116 11.95 -20.70 28.35
CA ARG B 116 12.62 -21.21 29.54
C ARG B 116 13.25 -20.02 30.27
N GLY B 117 13.07 -19.99 31.59
CA GLY B 117 13.55 -18.86 32.37
C GLY B 117 12.43 -17.87 32.57
N GLU B 118 11.30 -18.12 31.92
CA GLU B 118 10.15 -17.25 32.07
C GLU B 118 8.97 -18.05 32.59
N PRO B 119 8.07 -17.39 33.35
CA PRO B 119 8.19 -16.00 33.79
C PRO B 119 9.10 -15.84 34.99
N ASN B 120 10.05 -14.90 34.92
CA ASN B 120 10.87 -14.56 36.08
C ASN B 120 10.48 -13.20 36.64
N ASN B 121 11.31 -12.64 37.52
CA ASN B 121 11.05 -11.33 38.13
C ASN B 121 9.60 -11.09 38.54
N ILE B 122 9.01 -12.08 39.19
CA ILE B 122 7.59 -12.00 39.55
C ILE B 122 7.32 -10.76 40.38
N GLY B 123 6.26 -10.04 40.02
CA GLY B 123 5.88 -8.85 40.76
C GLY B 123 6.48 -7.58 40.18
N GLU B 124 7.60 -7.72 39.50
CA GLU B 124 8.27 -6.59 38.86
C GLU B 124 7.95 -6.47 37.36
N GLU B 125 7.93 -7.61 36.67
CA GLU B 125 7.58 -7.66 35.25
C GLU B 125 6.25 -8.36 35.11
N ASP B 126 5.18 -7.58 34.99
CA ASP B 126 3.83 -8.10 35.15
C ASP B 126 3.06 -8.29 33.84
N CYS B 127 3.68 -7.96 32.72
CA CYS B 127 3.00 -7.98 31.43
C CYS B 127 3.67 -8.93 30.44
N VAL B 128 2.87 -9.64 29.65
CA VAL B 128 3.41 -10.70 28.79
C VAL B 128 3.57 -10.24 27.35
N GLU B 129 4.69 -10.64 26.75
CA GLU B 129 5.02 -10.29 25.37
C GLU B 129 5.40 -11.52 24.59
N PHE B 130 5.20 -11.48 23.28
CA PHE B 130 5.88 -12.37 22.35
C PHE B 130 7.30 -11.87 22.25
N ALA B 131 8.26 -12.74 22.47
CA ALA B 131 9.66 -12.36 22.28
C ALA B 131 10.36 -13.52 21.62
N GLY B 132 10.98 -13.25 20.48
CA GLY B 132 11.63 -14.31 19.71
C GLY B 132 10.68 -15.46 19.40
N ASP B 133 10.87 -16.58 20.09
CA ASP B 133 10.11 -17.79 19.78
C ASP B 133 9.23 -18.22 20.94
N GLY B 134 9.08 -17.37 21.95
CA GLY B 134 8.25 -17.70 23.10
C GLY B 134 7.71 -16.50 23.86
N TRP B 135 7.19 -16.73 25.06
CA TRP B 135 6.66 -15.65 25.90
C TRP B 135 7.58 -15.24 27.06
N ASN B 136 7.84 -13.94 27.17
CA ASN B 136 8.50 -13.38 28.36
C ASN B 136 7.49 -12.59 29.16
N ASP B 137 7.70 -12.45 30.46
CA ASP B 137 7.01 -11.37 31.16
C ASP B 137 7.93 -10.15 31.16
N SER B 138 7.37 -8.95 31.02
CA SER B 138 8.15 -7.72 30.91
C SER B 138 7.57 -6.59 31.75
N LYS B 139 8.37 -5.54 31.96
CA LYS B 139 7.91 -4.32 32.62
C LYS B 139 6.85 -3.62 31.78
N CYS B 140 5.66 -3.49 32.35
CA CYS B 140 4.50 -3.02 31.61
C CYS B 140 4.59 -1.63 31.01
N GLU B 141 5.55 -0.83 31.45
CA GLU B 141 5.63 0.55 30.97
C GLU B 141 6.58 0.65 29.79
N LEU B 142 7.17 -0.47 29.40
CA LEU B 142 7.99 -0.51 28.20
C LEU B 142 7.10 -0.35 26.97
N LYS B 143 7.63 0.29 25.94
CA LYS B 143 6.87 0.47 24.71
C LYS B 143 7.18 -0.67 23.74
N LYS B 144 6.13 -1.37 23.32
CA LYS B 144 6.29 -2.50 22.44
C LYS B 144 5.19 -2.45 21.38
N PHE B 145 5.34 -3.21 20.30
CA PHE B 145 4.23 -3.35 19.37
C PHE B 145 3.11 -4.07 20.11
N TRP B 146 1.94 -4.13 19.49
CA TRP B 146 0.82 -4.85 20.09
C TRP B 146 -0.06 -5.42 19.00
N ILE B 147 -1.00 -6.27 19.38
CA ILE B 147 -1.90 -6.94 18.45
C ILE B 147 -3.33 -6.92 18.99
N CYS B 148 -4.27 -6.44 18.20
CA CYS B 148 -5.68 -6.44 18.59
C CYS B 148 -6.38 -7.61 17.93
N LYS B 149 -7.41 -8.14 18.58
CA LYS B 149 -8.20 -9.22 18.01
C LYS B 149 -9.69 -8.98 18.20
N LYS B 150 -10.48 -9.19 17.15
CA LYS B 150 -11.94 -9.21 17.31
C LYS B 150 -12.54 -10.15 16.28
N SER B 151 -13.84 -10.45 16.41
CA SER B 151 -14.48 -11.38 15.48
C SER B 151 -14.55 -10.83 14.07
N ALA B 152 -14.70 -11.74 13.12
CA ALA B 152 -14.79 -11.40 11.71
C ALA B 152 -16.24 -11.28 11.29
N THR B 153 -16.49 -10.65 10.14
CA THR B 153 -17.84 -10.58 9.60
C THR B 153 -17.91 -11.46 8.37
N PRO B 154 -18.86 -12.41 8.37
CA PRO B 154 -18.91 -13.34 7.24
C PRO B 154 -19.40 -12.72 5.96
N CYS B 155 -19.06 -13.33 4.83
CA CYS B 155 -19.53 -12.88 3.53
C CYS B 155 -20.57 -13.82 2.96
N LEU C 24 10.47 8.96 10.52
CA LEU C 24 9.79 8.22 9.45
C LEU C 24 8.36 8.72 9.24
N CYS C 25 7.98 8.92 7.98
CA CYS C 25 6.66 9.45 7.62
C CYS C 25 6.18 8.93 6.27
N ARG C 26 5.04 8.26 6.27
CA ARG C 26 4.47 7.72 5.02
C ARG C 26 3.10 8.34 4.72
N LEU C 27 3.08 9.29 3.79
CA LEU C 27 1.86 10.04 3.49
C LEU C 27 0.78 9.18 2.85
N CYS C 28 1.20 8.31 1.94
CA CYS C 28 0.29 7.49 1.14
C CYS C 28 0.83 6.08 1.06
N PRO C 29 -0.04 5.10 0.85
CA PRO C 29 0.44 3.72 0.73
C PRO C 29 1.44 3.58 -0.42
N TRP C 30 2.16 2.46 -0.41
CA TRP C 30 3.16 2.15 -1.42
C TRP C 30 2.65 2.25 -2.85
N ASP C 31 3.37 3.01 -3.68
CA ASP C 31 3.02 3.25 -5.07
C ASP C 31 1.81 4.16 -5.29
N TRP C 32 1.45 4.93 -4.27
CA TRP C 32 0.41 5.96 -4.39
C TRP C 32 1.06 7.33 -4.28
N THR C 33 0.48 8.32 -4.95
CA THR C 33 1.07 9.66 -4.99
C THR C 33 0.30 10.64 -4.10
N PHE C 34 1.02 11.37 -3.26
CA PHE C 34 0.41 12.46 -2.46
C PHE C 34 0.19 13.78 -3.22
N LEU C 35 -1.02 14.31 -3.18
CA LEU C 35 -1.31 15.67 -3.63
C LEU C 35 -2.39 16.33 -2.76
N LEU C 36 -2.02 17.40 -2.06
CA LEU C 36 -2.99 18.20 -1.31
C LEU C 36 -3.91 17.44 -0.36
N GLY C 37 -3.33 16.53 0.42
CA GLY C 37 -4.08 15.82 1.44
C GLY C 37 -4.77 14.56 0.94
N ASN C 38 -4.56 14.24 -0.34
CA ASN C 38 -5.11 13.01 -0.91
C ASN C 38 -4.07 12.14 -1.57
N CYS C 39 -4.42 10.86 -1.76
CA CYS C 39 -3.52 9.85 -2.31
C CYS C 39 -4.09 9.34 -3.62
N TYR C 40 -3.24 9.22 -4.64
CA TYR C 40 -3.71 8.89 -5.99
C TYR C 40 -3.01 7.64 -6.51
N PHE C 41 -3.75 6.75 -7.16
CA PHE C 41 -3.13 5.56 -7.75
C PHE C 41 -3.40 5.58 -9.23
N PHE C 42 -2.34 5.48 -10.03
CA PHE C 42 -2.48 5.53 -11.48
C PHE C 42 -2.36 4.13 -12.04
N SER C 43 -3.44 3.60 -12.61
CA SER C 43 -3.40 2.23 -13.06
C SER C 43 -2.32 2.07 -14.10
N LYS C 44 -1.87 0.82 -14.25
CA LYS C 44 -0.91 0.47 -15.26
C LYS C 44 -1.64 -0.23 -16.40
N SER C 45 -2.83 -0.75 -16.11
CA SER C 45 -3.61 -1.49 -17.12
C SER C 45 -4.87 -0.74 -17.43
N GLN C 46 -5.64 -1.24 -18.38
CA GLN C 46 -6.86 -0.58 -18.85
C GLN C 46 -8.07 -1.45 -18.56
N ARG C 47 -9.14 -0.84 -18.04
CA ARG C 47 -10.37 -1.54 -17.69
C ARG C 47 -11.59 -0.69 -18.10
N ASN C 48 -12.75 -1.33 -18.28
CA ASN C 48 -13.95 -0.55 -18.53
C ASN C 48 -14.30 0.22 -17.27
N TRP C 49 -15.24 1.17 -17.41
CA TRP C 49 -15.55 2.11 -16.35
C TRP C 49 -16.04 1.43 -15.08
N ASN C 50 -16.98 0.51 -15.22
CA ASN C 50 -17.50 -0.19 -14.03
C ASN C 50 -16.42 -1.00 -13.34
N ASP C 51 -15.57 -1.67 -14.12
CA ASP C 51 -14.45 -2.44 -13.56
C ASP C 51 -13.45 -1.55 -12.85
N ALA C 52 -13.26 -0.33 -13.35
CA ALA C 52 -12.35 0.62 -12.72
C ALA C 52 -12.94 1.07 -11.41
N VAL C 53 -14.26 1.31 -11.40
CA VAL C 53 -14.92 1.67 -10.16
C VAL C 53 -14.67 0.59 -9.11
N THR C 54 -14.82 -0.67 -9.51
CA THR C 54 -14.62 -1.78 -8.59
C THR C 54 -13.17 -1.87 -8.13
N ALA C 55 -12.24 -1.63 -9.05
CA ALA C 55 -10.81 -1.72 -8.72
C ALA C 55 -10.47 -0.75 -7.62
N CYS C 56 -11.08 0.43 -7.64
CA CYS C 56 -10.78 1.45 -6.65
C CYS C 56 -11.40 1.11 -5.30
N LYS C 57 -12.62 0.56 -5.31
CA LYS C 57 -13.26 0.10 -4.08
C LYS C 57 -12.47 -1.01 -3.36
N GLU C 58 -11.69 -1.79 -4.10
CA GLU C 58 -10.84 -2.83 -3.53
C GLU C 58 -9.75 -2.27 -2.64
N VAL C 59 -9.40 -1.01 -2.85
CA VAL C 59 -8.32 -0.41 -2.09
C VAL C 59 -8.85 0.79 -1.30
N LYS C 60 -10.12 0.70 -0.95
CA LYS C 60 -10.82 1.71 -0.17
C LYS C 60 -10.67 3.09 -0.79
N ALA C 61 -10.82 3.13 -2.12
CA ALA C 61 -10.68 4.38 -2.84
C ALA C 61 -11.87 4.53 -3.78
N GLN C 62 -11.92 5.65 -4.52
CA GLN C 62 -12.97 5.89 -5.51
C GLN C 62 -12.36 6.32 -6.84
N LEU C 63 -12.92 5.85 -7.93
CA LEU C 63 -12.52 6.34 -9.24
C LEU C 63 -12.57 7.86 -9.17
N VAL C 64 -11.47 8.50 -9.56
CA VAL C 64 -11.14 9.85 -9.11
C VAL C 64 -12.25 10.88 -9.25
N ILE C 65 -12.54 11.54 -8.14
CA ILE C 65 -13.48 12.65 -8.10
C ILE C 65 -12.69 13.95 -8.01
N ILE C 66 -12.79 14.79 -9.05
CA ILE C 66 -12.05 16.05 -9.10
C ILE C 66 -12.70 17.13 -8.21
N ASN C 67 -11.92 17.74 -7.33
CA ASN C 67 -12.52 18.73 -6.44
C ASN C 67 -11.70 20.01 -6.33
N SER C 68 -10.65 20.13 -7.12
CA SER C 68 -9.91 21.38 -7.17
C SER C 68 -9.27 21.52 -8.52
N ASP C 69 -8.84 22.73 -8.84
CA ASP C 69 -8.23 23.01 -10.13
C ASP C 69 -6.79 22.51 -10.17
N GLU C 70 -6.08 22.62 -9.04
CA GLU C 70 -4.72 22.12 -8.98
C GLU C 70 -4.72 20.60 -9.21
N GLU C 71 -5.68 19.92 -8.58
CA GLU C 71 -5.90 18.50 -8.80
C GLU C 71 -6.18 18.15 -10.27
N GLN C 72 -7.14 18.85 -10.86
CA GLN C 72 -7.45 18.65 -12.28
C GLN C 72 -6.22 18.85 -13.17
N THR C 73 -5.43 19.88 -12.89
CA THR C 73 -4.24 20.15 -13.69
C THR C 73 -3.23 19.02 -13.60
N PHE C 74 -3.02 18.50 -12.40
CA PHE C 74 -2.05 17.44 -12.20
C PHE C 74 -2.51 16.14 -12.85
N LEU C 75 -3.78 15.79 -12.67
CA LEU C 75 -4.24 14.51 -13.26
C LEU C 75 -4.34 14.59 -14.78
N GLN C 76 -4.68 15.76 -15.32
CA GLN C 76 -4.73 15.94 -16.77
C GLN C 76 -3.34 15.75 -17.39
N GLN C 77 -2.30 16.35 -16.81
CA GLN C 77 -0.92 16.15 -17.31
C GLN C 77 -0.44 14.72 -17.18
N THR C 78 -0.62 14.13 -16.02
CA THR C 78 -0.19 12.76 -15.86
C THR C 78 -0.91 11.84 -16.85
N SER C 79 -2.22 12.01 -16.99
CA SER C 79 -2.97 11.07 -17.81
C SER C 79 -2.62 11.20 -19.29
N LYS C 80 -2.12 12.37 -19.69
CA LYS C 80 -1.70 12.59 -21.07
C LYS C 80 -0.55 11.67 -21.44
N ALA C 81 0.27 11.32 -20.46
CA ALA C 81 1.42 10.45 -20.75
C ALA C 81 1.03 8.97 -20.95
N LYS C 82 -0.14 8.55 -20.50
CA LYS C 82 -0.54 7.16 -20.73
C LYS C 82 -1.54 7.05 -21.86
N GLY C 83 -2.60 7.86 -21.81
CA GLY C 83 -3.63 7.81 -22.82
C GLY C 83 -4.97 8.10 -22.18
N PRO C 84 -6.06 7.96 -22.93
CA PRO C 84 -7.36 8.23 -22.29
C PRO C 84 -7.54 7.47 -20.98
N THR C 85 -8.06 8.17 -19.97
CA THR C 85 -8.10 7.68 -18.61
C THR C 85 -9.45 8.03 -18.01
N TRP C 86 -10.06 7.09 -17.30
CA TRP C 86 -11.38 7.27 -16.68
C TRP C 86 -11.28 8.13 -15.45
N MET C 87 -12.31 8.94 -15.21
CA MET C 87 -12.51 9.60 -13.93
C MET C 87 -13.87 9.15 -13.36
N GLY C 88 -14.15 9.46 -12.10
CA GLY C 88 -15.35 8.91 -11.47
C GLY C 88 -16.59 9.75 -11.73
N LEU C 89 -16.97 9.87 -12.99
CA LEU C 89 -18.04 10.79 -13.42
C LEU C 89 -18.82 10.13 -14.53
N SER C 90 -20.15 10.19 -14.47
CA SER C 90 -21.00 9.56 -15.48
C SER C 90 -22.41 10.13 -15.41
N ASP C 91 -23.20 9.93 -16.45
CA ASP C 91 -24.61 10.34 -16.43
C ASP C 91 -25.50 9.12 -16.55
N LEU C 92 -25.08 8.02 -15.94
CA LEU C 92 -25.78 6.74 -16.03
C LEU C 92 -27.09 6.70 -15.24
N LYS C 93 -27.19 7.51 -14.20
CA LYS C 93 -28.42 7.54 -13.40
C LYS C 93 -29.49 8.34 -14.13
N LYS C 94 -29.14 9.56 -14.54
CA LYS C 94 -30.03 10.39 -15.37
C LYS C 94 -29.26 11.04 -16.52
N GLU C 95 -29.59 10.63 -17.74
CA GLU C 95 -28.95 11.12 -18.94
C GLU C 95 -28.78 12.65 -18.98
N ALA C 96 -27.57 13.12 -19.28
CA ALA C 96 -27.26 14.55 -19.39
C ALA C 96 -27.05 15.23 -18.04
N THR C 97 -27.34 14.52 -16.95
CA THR C 97 -26.97 15.00 -15.62
C THR C 97 -25.75 14.20 -15.14
N TRP C 98 -24.65 14.92 -14.86
CA TRP C 98 -23.38 14.26 -14.56
C TRP C 98 -23.09 14.19 -13.08
N LEU C 99 -22.97 12.98 -12.55
CA LEU C 99 -22.75 12.78 -11.12
C LEU C 99 -21.43 12.08 -10.87
N TRP C 100 -20.72 12.49 -9.83
CA TRP C 100 -19.51 11.81 -9.41
C TRP C 100 -19.92 10.50 -8.75
N VAL C 101 -18.99 9.56 -8.61
CA VAL C 101 -19.34 8.25 -8.04
C VAL C 101 -19.84 8.29 -6.60
N ASP C 102 -19.53 9.37 -5.87
CA ASP C 102 -20.05 9.53 -4.50
C ASP C 102 -21.44 10.19 -4.48
N GLY C 103 -22.02 10.36 -5.67
CA GLY C 103 -23.36 10.92 -5.79
C GLY C 103 -23.43 12.44 -5.86
N SER C 104 -22.31 13.12 -5.70
CA SER C 104 -22.33 14.57 -5.72
C SER C 104 -22.49 15.08 -7.14
N THR C 105 -22.99 16.30 -7.27
CA THR C 105 -23.29 16.84 -8.59
C THR C 105 -22.07 17.54 -9.17
N LEU C 106 -22.04 17.66 -10.48
CA LEU C 106 -20.91 18.32 -11.14
C LEU C 106 -21.10 19.82 -11.05
N SER C 107 -20.15 20.48 -10.39
CA SER C 107 -20.19 21.91 -10.16
C SER C 107 -20.24 22.73 -11.45
N SER C 108 -20.85 23.91 -11.38
CA SER C 108 -20.85 24.82 -12.52
C SER C 108 -19.44 25.21 -12.87
N ARG C 109 -18.61 25.43 -11.86
CA ARG C 109 -17.26 25.90 -12.14
C ARG C 109 -16.40 24.86 -12.85
N PHE C 110 -16.80 23.59 -12.78
CA PHE C 110 -16.02 22.54 -13.41
C PHE C 110 -16.44 22.26 -14.84
N GLN C 111 -17.50 22.93 -15.31
CA GLN C 111 -17.99 22.62 -16.64
C GLN C 111 -16.98 23.07 -17.68
N LYS C 112 -16.09 23.98 -17.29
CA LYS C 112 -15.07 24.46 -18.21
C LYS C 112 -14.06 23.40 -18.61
N TYR C 113 -14.05 22.27 -17.90
CA TYR C 113 -13.00 21.27 -18.16
C TYR C 113 -13.36 20.42 -19.33
N TRP C 114 -14.63 20.43 -19.72
CA TRP C 114 -15.06 19.71 -20.90
C TRP C 114 -14.29 20.23 -22.10
N ASN C 115 -13.83 19.32 -22.97
CA ASN C 115 -13.26 19.74 -24.24
C ASN C 115 -14.32 20.44 -25.06
N ARG C 116 -13.91 21.23 -26.05
CA ARG C 116 -14.87 21.83 -26.97
CA ARG C 116 -14.86 21.83 -26.98
C ARG C 116 -15.62 20.72 -27.69
N GLY C 117 -16.94 20.79 -27.69
CA GLY C 117 -17.75 19.78 -28.34
C GLY C 117 -18.20 18.65 -27.42
N GLU C 118 -17.84 18.73 -26.14
CA GLU C 118 -18.21 17.73 -25.16
C GLU C 118 -19.01 18.37 -24.04
N PRO C 119 -19.92 17.61 -23.41
CA PRO C 119 -20.21 16.22 -23.74
C PRO C 119 -21.14 16.13 -24.92
N ASN C 120 -20.99 15.09 -25.73
CA ASN C 120 -21.90 14.86 -26.85
C ASN C 120 -22.33 13.42 -26.86
N ASN C 121 -22.96 12.98 -27.96
CA ASN C 121 -23.43 11.60 -28.06
C ASN C 121 -24.19 11.21 -26.81
N ILE C 122 -25.12 12.07 -26.42
CA ILE C 122 -25.79 11.95 -25.12
C ILE C 122 -26.66 10.71 -25.09
N GLY C 123 -26.53 9.94 -24.01
CA GLY C 123 -27.28 8.69 -23.87
C GLY C 123 -26.51 7.50 -24.41
N GLU C 124 -25.44 7.77 -25.16
CA GLU C 124 -24.64 6.72 -25.76
C GLU C 124 -23.23 6.66 -25.16
N GLU C 125 -22.69 7.83 -24.84
CA GLU C 125 -21.39 7.96 -24.19
C GLU C 125 -21.60 8.49 -22.78
N ASP C 126 -21.63 7.60 -21.80
CA ASP C 126 -22.11 7.92 -20.46
C ASP C 126 -21.04 8.06 -19.39
N CYS C 127 -19.80 7.81 -19.75
CA CYS C 127 -18.72 7.89 -18.77
C CYS C 127 -17.67 8.92 -19.21
N VAL C 128 -17.01 9.56 -18.24
CA VAL C 128 -16.10 10.65 -18.56
C VAL C 128 -14.64 10.23 -18.41
N GLU C 129 -13.80 10.73 -19.33
CA GLU C 129 -12.38 10.38 -19.36
C GLU C 129 -11.58 11.65 -19.52
N PHE C 130 -10.36 11.65 -19.01
CA PHE C 130 -9.38 12.64 -19.41
C PHE C 130 -8.95 12.30 -20.82
N ALA C 131 -9.10 13.24 -21.74
CA ALA C 131 -8.63 13.04 -23.11
C ALA C 131 -7.89 14.28 -23.57
N GLY C 132 -6.58 14.17 -23.70
CA GLY C 132 -5.78 15.31 -24.14
C GLY C 132 -5.64 16.37 -23.08
N ASP C 133 -6.28 17.52 -23.29
CA ASP C 133 -6.23 18.60 -22.32
C ASP C 133 -7.58 18.91 -21.66
N GLY C 134 -8.58 18.07 -21.89
CA GLY C 134 -9.88 18.28 -21.26
C GLY C 134 -10.63 16.96 -21.07
N TRP C 135 -11.94 17.05 -20.83
CA TRP C 135 -12.79 15.89 -20.59
C TRP C 135 -13.64 15.55 -21.79
N ASN C 136 -13.70 14.26 -22.14
CA ASN C 136 -14.68 13.79 -23.12
C ASN C 136 -15.64 12.87 -22.39
N ASP C 137 -16.86 12.73 -22.89
CA ASP C 137 -17.64 11.54 -22.52
C ASP C 137 -17.35 10.45 -23.54
N SER C 138 -17.38 9.19 -23.09
CA SER C 138 -17.04 8.04 -23.93
C SER C 138 -17.92 6.87 -23.58
N LYS C 139 -17.90 5.84 -24.41
CA LYS C 139 -18.64 4.61 -24.12
C LYS C 139 -18.03 3.90 -22.93
N CYS C 140 -18.83 3.68 -21.89
CA CYS C 140 -18.38 3.04 -20.66
C CYS C 140 -17.74 1.67 -20.83
N GLU C 141 -18.08 0.99 -21.90
CA GLU C 141 -17.59 -0.37 -22.14
C GLU C 141 -16.12 -0.38 -22.58
N LEU C 142 -15.62 0.77 -22.98
CA LEU C 142 -14.26 0.86 -23.49
C LEU C 142 -13.25 0.66 -22.37
N LYS C 143 -12.13 0.00 -22.67
CA LYS C 143 -11.06 -0.13 -21.71
C LYS C 143 -10.11 1.07 -21.77
N LYS C 144 -9.88 1.68 -20.61
CA LYS C 144 -9.02 2.85 -20.50
C LYS C 144 -8.28 2.77 -19.18
N PHE C 145 -7.22 3.55 -19.03
CA PHE C 145 -6.55 3.61 -17.77
C PHE C 145 -7.48 4.22 -16.74
N TRP C 146 -7.08 4.26 -15.48
CA TRP C 146 -7.95 4.86 -14.50
C TRP C 146 -7.11 5.28 -13.33
N ILE C 147 -7.71 6.09 -12.47
CA ILE C 147 -7.03 6.67 -11.35
C ILE C 147 -7.95 6.58 -10.15
N CYS C 148 -7.39 6.19 -9.01
CA CYS C 148 -8.12 6.11 -7.75
C CYS C 148 -7.67 7.24 -6.83
N LYS C 149 -8.59 7.72 -5.99
CA LYS C 149 -8.29 8.76 -5.01
C LYS C 149 -8.86 8.39 -3.65
N LYS C 150 -8.11 8.64 -2.58
CA LYS C 150 -8.64 8.49 -1.23
C LYS C 150 -7.86 9.42 -0.33
N SER C 151 -8.39 9.71 0.86
CA SER C 151 -7.71 10.60 1.80
C SER C 151 -6.37 10.05 2.23
N ALA C 152 -5.41 10.95 2.46
CA ALA C 152 -4.12 10.58 3.05
C ALA C 152 -4.19 10.45 4.57
N THR C 153 -3.14 9.87 5.13
CA THR C 153 -2.97 9.83 6.58
C THR C 153 -1.86 10.81 6.97
N PRO C 154 -2.19 11.75 7.89
CA PRO C 154 -1.31 12.88 8.26
C PRO C 154 -0.14 12.47 9.14
N CYS C 155 0.97 13.19 9.00
CA CYS C 155 2.18 12.94 9.77
C CYS C 155 2.37 13.97 10.89
N ARG D 23 1.12 -4.55 -22.44
CA ARG D 23 -0.11 -4.46 -21.66
C ARG D 23 0.03 -3.44 -20.50
N LEU D 24 1.04 -3.63 -19.66
CA LEU D 24 1.27 -2.73 -18.51
C LEU D 24 2.09 -1.49 -18.84
N CYS D 25 1.47 -0.31 -18.73
CA CYS D 25 2.18 0.95 -18.92
C CYS D 25 2.66 1.51 -17.60
N ARG D 26 3.97 1.47 -17.37
CA ARG D 26 4.54 2.10 -16.19
C ARG D 26 5.57 3.18 -16.59
N LEU D 27 5.32 4.40 -16.13
CA LEU D 27 6.11 5.57 -16.52
C LEU D 27 7.34 5.74 -15.63
N CYS D 28 7.22 5.34 -14.37
CA CYS D 28 8.25 5.56 -13.37
C CYS D 28 8.53 4.29 -12.58
N PRO D 29 9.62 4.28 -11.82
CA PRO D 29 9.84 3.08 -11.00
C PRO D 29 8.72 2.95 -9.98
N TRP D 30 8.59 1.78 -9.38
CA TRP D 30 7.57 1.57 -8.35
C TRP D 30 7.79 2.53 -7.21
N ASP D 31 6.71 3.14 -6.74
CA ASP D 31 6.76 4.04 -5.58
C ASP D 31 7.42 5.40 -5.87
N TRP D 32 7.58 5.71 -7.16
CA TRP D 32 8.01 7.04 -7.59
C TRP D 32 6.83 7.70 -8.30
N THR D 33 6.76 9.03 -8.22
CA THR D 33 5.65 9.80 -8.80
C THR D 33 6.02 10.42 -10.13
N PHE D 34 5.15 10.26 -11.14
CA PHE D 34 5.33 10.94 -12.42
C PHE D 34 4.86 12.37 -12.35
N LEU D 35 5.70 13.29 -12.81
CA LEU D 35 5.34 14.69 -12.86
C LEU D 35 6.08 15.37 -14.00
N LEU D 36 5.32 15.85 -14.99
CA LEU D 36 5.85 16.69 -16.05
C LEU D 36 7.05 16.05 -16.74
N GLY D 37 6.91 14.78 -17.09
CA GLY D 37 7.91 14.11 -17.87
C GLY D 37 9.04 13.50 -17.08
N ASN D 38 9.04 13.71 -15.76
CA ASN D 38 10.06 13.12 -14.91
C ASN D 38 9.49 12.30 -13.76
N CYS D 39 10.36 11.54 -13.12
CA CYS D 39 9.98 10.68 -11.99
C CYS D 39 10.61 11.17 -10.71
N TYR D 40 9.82 11.19 -9.63
CA TYR D 40 10.28 11.73 -8.35
C TYR D 40 10.11 10.73 -7.23
N PHE D 41 11.13 10.61 -6.40
CA PHE D 41 11.04 9.74 -5.23
C PHE D 41 11.12 10.60 -4.00
N PHE D 42 10.11 10.47 -3.14
CA PHE D 42 10.05 11.20 -1.89
C PHE D 42 10.46 10.25 -0.77
N SER D 43 11.60 10.52 -0.13
CA SER D 43 12.09 9.57 0.84
C SER D 43 11.17 9.44 2.04
N LYS D 44 11.23 8.30 2.71
CA LYS D 44 10.47 8.09 3.95
C LYS D 44 11.41 8.26 5.13
N SER D 45 12.71 8.11 4.86
CA SER D 45 13.72 8.28 5.90
C SER D 45 14.48 9.59 5.74
N GLN D 46 15.32 9.88 6.73
CA GLN D 46 16.01 11.15 6.80
C GLN D 46 17.51 10.92 6.75
N ARG D 47 18.21 11.76 6.01
CA ARG D 47 19.65 11.63 5.86
C ARG D 47 20.28 13.01 5.73
N ASN D 48 21.57 13.10 6.00
CA ASN D 48 22.27 14.35 5.78
C ASN D 48 22.41 14.57 4.28
N TRP D 49 22.81 15.77 3.89
CA TRP D 49 22.80 16.16 2.49
C TRP D 49 23.66 15.22 1.64
N ASN D 50 24.88 14.94 2.10
CA ASN D 50 25.76 14.03 1.38
C ASN D 50 25.21 12.62 1.19
N ASP D 51 24.54 12.11 2.21
CA ASP D 51 23.96 10.78 2.14
C ASP D 51 22.71 10.79 1.27
N ALA D 52 22.02 11.92 1.21
CA ALA D 52 20.86 12.03 0.35
C ALA D 52 21.33 11.95 -1.09
N VAL D 53 22.43 12.63 -1.40
CA VAL D 53 22.95 12.62 -2.75
C VAL D 53 23.37 11.22 -3.17
N THR D 54 24.00 10.50 -2.25
CA THR D 54 24.40 9.14 -2.52
C THR D 54 23.19 8.23 -2.71
N ALA D 55 22.16 8.43 -1.90
CA ALA D 55 20.95 7.63 -2.06
C ALA D 55 20.32 7.82 -3.44
N CYS D 56 20.28 9.04 -3.95
CA CYS D 56 19.75 9.28 -5.29
C CYS D 56 20.70 8.71 -6.35
N LYS D 57 22.01 8.89 -6.14
CA LYS D 57 23.00 8.37 -7.06
C LYS D 57 22.84 6.87 -7.23
N GLU D 58 22.52 6.19 -6.14
CA GLU D 58 22.37 4.73 -6.19
C GLU D 58 21.18 4.23 -7.01
N VAL D 59 20.21 5.11 -7.24
CA VAL D 59 19.07 4.79 -8.09
C VAL D 59 19.14 5.57 -9.40
N LYS D 60 20.36 5.92 -9.81
CA LYS D 60 20.61 6.58 -11.10
C LYS D 60 19.81 7.86 -11.24
N ALA D 61 19.67 8.57 -10.12
CA ALA D 61 18.87 9.79 -10.07
C ALA D 61 19.69 10.91 -9.47
N GLN D 62 19.15 12.12 -9.51
CA GLN D 62 19.86 13.25 -8.90
C GLN D 62 19.05 13.71 -7.69
N LEU D 63 19.72 14.25 -6.68
CA LEU D 63 19.01 14.96 -5.62
C LEU D 63 18.36 16.14 -6.32
N VAL D 64 17.06 16.32 -6.11
CA VAL D 64 16.24 17.12 -7.01
C VAL D 64 16.77 18.51 -7.39
N ILE D 65 16.82 18.77 -8.68
CA ILE D 65 17.13 20.08 -9.22
C ILE D 65 15.85 20.69 -9.78
N ILE D 66 15.44 21.82 -9.23
CA ILE D 66 14.23 22.51 -9.67
C ILE D 66 14.46 23.21 -11.01
N ASN D 67 13.55 23.00 -11.95
CA ASN D 67 13.73 23.54 -13.29
C ASN D 67 12.56 24.36 -13.77
N SER D 68 11.52 24.43 -12.95
CA SER D 68 10.32 25.18 -13.31
C SER D 68 9.46 25.43 -12.10
N ASP D 69 8.57 26.40 -12.23
CA ASP D 69 7.72 26.82 -11.14
C ASP D 69 6.64 25.76 -10.83
N GLU D 70 6.16 25.07 -11.86
CA GLU D 70 5.18 24.01 -11.66
C GLU D 70 5.80 22.92 -10.80
N GLU D 71 7.03 22.57 -11.13
CA GLU D 71 7.76 21.56 -10.39
C GLU D 71 7.97 21.98 -8.93
N GLN D 72 8.45 23.20 -8.75
CA GLN D 72 8.67 23.74 -7.43
C GLN D 72 7.39 23.71 -6.60
N THR D 73 6.26 24.00 -7.23
CA THR D 73 4.99 24.03 -6.52
C THR D 73 4.58 22.64 -6.04
N PHE D 74 4.69 21.64 -6.91
CA PHE D 74 4.32 20.29 -6.51
C PHE D 74 5.24 19.77 -5.39
N LEU D 75 6.55 19.98 -5.55
CA LEU D 75 7.51 19.47 -4.58
C LEU D 75 7.34 20.16 -3.23
N GLN D 76 6.95 21.42 -3.25
CA GLN D 76 6.73 22.20 -2.04
C GLN D 76 5.54 21.69 -1.25
N GLN D 77 4.44 21.37 -1.91
CA GLN D 77 3.25 20.90 -1.19
C GLN D 77 3.45 19.52 -0.58
N THR D 78 4.21 18.65 -1.24
CA THR D 78 4.50 17.37 -0.62
C THR D 78 5.45 17.55 0.55
N SER D 79 6.52 18.32 0.33
CA SER D 79 7.51 18.55 1.37
C SER D 79 6.89 19.17 2.60
N LYS D 80 6.00 20.13 2.38
CA LYS D 80 5.34 20.78 3.50
C LYS D 80 4.68 19.75 4.40
N ALA D 81 3.98 18.79 3.80
CA ALA D 81 3.24 17.79 4.56
C ALA D 81 4.11 16.80 5.31
N LYS D 82 5.36 16.63 4.86
CA LYS D 82 6.29 15.72 5.52
C LYS D 82 7.18 16.43 6.52
N GLY D 83 7.83 17.49 6.07
CA GLY D 83 8.79 18.20 6.90
C GLY D 83 9.95 18.65 6.03
N PRO D 84 10.91 19.36 6.64
CA PRO D 84 12.06 19.89 5.90
C PRO D 84 12.71 18.83 5.02
N THR D 85 12.97 19.19 3.77
CA THR D 85 13.43 18.23 2.78
C THR D 85 14.57 18.81 1.98
N TRP D 86 15.61 18.01 1.73
CA TRP D 86 16.77 18.44 0.95
C TRP D 86 16.47 18.56 -0.54
N MET D 87 17.10 19.53 -1.19
CA MET D 87 17.15 19.57 -2.64
C MET D 87 18.61 19.59 -3.08
N GLY D 88 18.88 19.33 -4.35
CA GLY D 88 20.25 19.19 -4.82
C GLY D 88 20.96 20.51 -5.04
N LEU D 89 20.85 21.41 -4.08
CA LEU D 89 21.46 22.74 -4.21
C LEU D 89 22.39 23.03 -3.04
N SER D 90 23.62 23.47 -3.33
CA SER D 90 24.57 23.88 -2.28
C SER D 90 25.61 24.86 -2.80
N ASP D 91 26.32 25.49 -1.87
CA ASP D 91 27.46 26.35 -2.22
C ASP D 91 28.77 25.82 -1.65
N LEU D 92 28.81 24.54 -1.34
CA LEU D 92 30.01 23.93 -0.78
C LEU D 92 31.25 24.22 -1.61
N LYS D 93 31.07 24.33 -2.93
CA LYS D 93 32.21 24.51 -3.85
C LYS D 93 32.84 25.89 -3.75
N LYS D 94 32.06 26.85 -3.24
CA LYS D 94 32.49 28.23 -3.16
C LYS D 94 31.35 29.03 -2.54
N GLU D 95 31.51 29.46 -1.29
CA GLU D 95 30.46 30.17 -0.57
C GLU D 95 29.72 31.16 -1.45
N ALA D 96 28.42 31.32 -1.20
CA ALA D 96 27.61 32.35 -1.85
C ALA D 96 27.26 32.03 -3.31
N THR D 97 28.07 31.20 -3.95
CA THR D 97 27.76 30.71 -5.28
C THR D 97 27.03 29.38 -5.17
N TRP D 98 25.72 29.40 -5.45
CA TRP D 98 24.86 28.22 -5.33
C TRP D 98 24.78 27.44 -6.62
N LEU D 99 25.17 26.16 -6.55
CA LEU D 99 25.22 25.29 -7.70
C LEU D 99 24.40 24.04 -7.47
N TRP D 100 23.75 23.57 -8.52
CA TRP D 100 23.00 22.33 -8.46
C TRP D 100 23.97 21.19 -8.63
N VAL D 101 23.56 20.00 -8.20
CA VAL D 101 24.45 18.86 -8.17
C VAL D 101 24.94 18.49 -9.56
N ASP D 102 24.28 19.00 -10.58
CA ASP D 102 24.72 18.75 -11.96
C ASP D 102 25.82 19.72 -12.36
N GLY D 103 25.95 20.83 -11.65
CA GLY D 103 27.00 21.81 -11.94
C GLY D 103 26.49 23.17 -12.39
N SER D 104 25.20 23.27 -12.70
CA SER D 104 24.62 24.54 -13.11
C SER D 104 24.56 25.53 -11.95
N THR D 105 24.44 26.81 -12.28
CA THR D 105 24.34 27.89 -11.30
C THR D 105 22.88 28.21 -11.03
N LEU D 106 22.54 28.48 -9.77
CA LEU D 106 21.16 28.82 -9.45
C LEU D 106 20.70 29.87 -10.45
N SER D 107 19.55 29.62 -11.07
CA SER D 107 19.04 30.56 -12.06
C SER D 107 18.69 31.89 -11.43
N SER D 108 18.56 32.91 -12.28
CA SER D 108 18.27 34.26 -11.82
C SER D 108 16.88 34.34 -11.20
N ARG D 109 15.91 33.70 -11.84
CA ARG D 109 14.50 33.88 -11.49
C ARG D 109 14.01 32.87 -10.45
N PHE D 110 14.88 31.99 -9.99
CA PHE D 110 14.50 31.07 -8.92
C PHE D 110 14.82 31.69 -7.56
N GLN D 111 15.59 32.77 -7.60
CA GLN D 111 16.04 33.45 -6.39
C GLN D 111 14.87 33.91 -5.53
N LYS D 112 13.69 33.91 -6.14
CA LYS D 112 12.47 34.33 -5.45
C LYS D 112 11.92 33.24 -4.56
N TYR D 113 12.49 32.04 -4.65
CA TYR D 113 12.02 30.95 -3.81
C TYR D 113 12.66 30.99 -2.43
N TRP D 114 13.87 31.54 -2.34
CA TRP D 114 14.46 31.84 -1.04
C TRP D 114 13.41 32.48 -0.16
N ASN D 115 13.27 31.98 1.05
CA ASN D 115 12.42 32.67 2.01
C ASN D 115 13.01 34.04 2.28
N ARG D 116 12.25 34.87 3.00
CA ARG D 116 12.83 36.12 3.47
C ARG D 116 13.71 35.80 4.68
N GLY D 117 14.96 36.25 4.61
CA GLY D 117 15.91 35.96 5.66
C GLY D 117 16.87 34.90 5.18
N GLU D 118 16.58 34.36 4.00
CA GLU D 118 17.42 33.34 3.42
C GLU D 118 17.93 33.79 2.05
N PRO D 119 19.14 33.38 1.69
CA PRO D 119 20.01 32.58 2.58
C PRO D 119 20.78 33.42 3.57
N ASN D 120 20.86 32.97 4.82
CA ASN D 120 21.71 33.60 5.83
C ASN D 120 22.83 32.66 6.29
N ASN D 121 23.45 32.96 7.43
CA ASN D 121 24.54 32.13 7.96
C ASN D 121 25.48 31.59 6.88
N ILE D 122 25.88 32.46 5.97
CA ILE D 122 26.68 32.06 4.81
C ILE D 122 27.99 31.43 5.23
N GLY D 123 28.38 30.36 4.55
CA GLY D 123 29.59 29.65 4.89
C GLY D 123 29.38 28.65 6.01
N GLU D 124 28.33 28.86 6.80
CA GLU D 124 28.01 27.91 7.87
C GLU D 124 26.91 26.92 7.42
N GLU D 125 25.85 27.45 6.83
CA GLU D 125 24.75 26.62 6.34
C GLU D 125 24.79 26.55 4.83
N ASP D 126 25.34 25.47 4.31
CA ASP D 126 25.71 25.39 2.90
C ASP D 126 24.77 24.57 2.03
N CYS D 127 23.74 23.99 2.63
CA CYS D 127 22.84 23.11 1.88
C CYS D 127 21.42 23.63 1.89
N VAL D 128 20.69 23.40 0.82
CA VAL D 128 19.37 24.01 0.67
C VAL D 128 18.22 23.02 0.88
N GLU D 129 17.20 23.47 1.60
CA GLU D 129 16.06 22.64 1.93
C GLU D 129 14.77 23.32 1.55
N PHE D 130 13.74 22.53 1.26
CA PHE D 130 12.37 23.01 1.27
C PHE D 130 11.97 23.14 2.74
N ALA D 131 11.58 24.33 3.17
CA ALA D 131 11.04 24.46 4.51
C ALA D 131 9.79 25.31 4.46
N GLY D 132 8.68 24.77 4.92
CA GLY D 132 7.41 25.48 4.87
C GLY D 132 7.00 25.82 3.45
N ASP D 133 7.10 27.11 3.10
CA ASP D 133 6.63 27.56 1.80
C ASP D 133 7.74 28.12 0.93
N GLY D 134 8.99 27.97 1.37
CA GLY D 134 10.12 28.49 0.62
C GLY D 134 11.43 27.79 0.93
N TRP D 135 12.54 28.29 0.38
CA TRP D 135 13.86 27.67 0.57
C TRP D 135 14.69 28.28 1.69
N ASN D 136 15.26 27.42 2.54
CA ASN D 136 16.28 27.84 3.50
C ASN D 136 17.63 27.27 3.09
N ASP D 137 18.71 27.91 3.50
CA ASP D 137 19.97 27.19 3.55
C ASP D 137 20.09 26.63 4.97
N SER D 138 20.74 25.47 5.09
CA SER D 138 20.77 24.78 6.38
C SER D 138 22.06 24.01 6.54
N LYS D 139 22.39 23.64 7.78
CA LYS D 139 23.57 22.81 8.07
C LYS D 139 23.50 21.45 7.40
N CYS D 140 24.43 21.19 6.48
CA CYS D 140 24.43 19.98 5.69
C CYS D 140 24.41 18.68 6.47
N GLU D 141 24.78 18.74 7.75
CA GLU D 141 24.92 17.51 8.52
C GLU D 141 23.62 17.12 9.19
N LEU D 142 22.63 18.01 9.12
CA LEU D 142 21.31 17.70 9.66
C LEU D 142 20.64 16.60 8.84
N LYS D 143 19.83 15.77 9.48
CA LYS D 143 19.10 14.74 8.78
C LYS D 143 17.71 15.26 8.38
N LYS D 144 17.42 15.17 7.10
CA LYS D 144 16.14 15.65 6.58
C LYS D 144 15.63 14.65 5.53
N PHE D 145 14.36 14.76 5.15
CA PHE D 145 13.89 13.96 4.04
C PHE D 145 14.62 14.42 2.80
N TRP D 146 14.48 13.68 1.70
CA TRP D 146 15.05 14.11 0.43
C TRP D 146 14.16 13.67 -0.72
N ILE D 147 14.50 14.15 -1.92
CA ILE D 147 13.74 13.86 -3.11
C ILE D 147 14.70 13.57 -4.26
N CYS D 148 14.53 12.43 -4.91
CA CYS D 148 15.34 12.10 -6.09
C CYS D 148 14.56 12.39 -7.34
N LYS D 149 15.26 12.68 -8.43
CA LYS D 149 14.61 12.95 -9.71
C LYS D 149 15.35 12.29 -10.85
N LYS D 150 14.65 11.57 -11.71
CA LYS D 150 15.24 11.12 -12.97
C LYS D 150 14.17 11.11 -14.05
N SER D 151 14.57 10.85 -15.30
CA SER D 151 13.63 10.90 -16.42
C SER D 151 12.70 9.70 -16.39
N ALA D 152 11.57 9.87 -17.07
CA ALA D 152 10.50 8.88 -17.14
C ALA D 152 10.68 8.00 -18.37
N THR D 153 10.04 6.84 -18.38
CA THR D 153 10.04 6.00 -19.57
C THR D 153 8.64 6.07 -20.19
N PRO D 154 8.56 6.46 -21.46
CA PRO D 154 7.25 6.63 -22.10
C PRO D 154 6.51 5.31 -22.34
N CYS D 155 5.19 5.40 -22.36
CA CYS D 155 4.35 4.25 -22.66
C CYS D 155 3.74 4.33 -24.07
#